data_4CJ1
#
_entry.id   4CJ1
#
_cell.length_a   74.422
_cell.length_b   97.736
_cell.length_c   106.580
_cell.angle_alpha   90.00
_cell.angle_beta   90.00
_cell.angle_gamma   90.00
#
_symmetry.space_group_name_H-M   'P 21 21 21'
#
loop_
_entity.id
_entity.type
_entity.pdbx_description
1 polymer 'ENDOGLUCANASE D'
2 polymer 'H3 AFFITIN'
3 non-polymer 'ZINC ION'
4 non-polymer 'CALCIUM ION'
5 non-polymer GLYCEROL
6 water water
#
loop_
_entity_poly.entity_id
_entity_poly.type
_entity_poly.pdbx_seq_one_letter_code
_entity_poly.pdbx_strand_id
1 'polypeptide(L)'
;SLTGVFPSGLIETKVSAAKITENYQFDSRIRLNSIGFIPNHSKKATIAANCSTFYVVKEDGTIVYTGTATSMFDNDTKET
VYIADFSSVNEEGTYYLAVPGVGKSVNFKIAMNVYEDAFKTAMLGMYLLRCGTSVSATYNGIHYSHGPCHTNDAYLDYIN
GQHTKKDSTKGWHDAGDYNKYVVNAGITVGSMFLAWEHFKDQLEPVALEIPEKNNSIPDFLDELKYEIDWILTMQYPDGS
GRVAHKVSTRNFGGFIMPENEHDERFFVPWSSAATADFVAMTAMAARIFRPYDPQYAEKCINAAKVSYEFLKNNPANVFA
NQSGFSTGEYATVSDADDRLWAAAEMWETLGDEEYLRDFENRAAQFSKKIEADFDWDNVANLGMFTYLLSERPGKNPALV
QSIKDSLLSTADSIVRTSQNHGYGRTLGTTYYWGCNGTVVRQTMILQVANKISPNNDYVNAALDAISHVFGRNYYNRSYV
TGLGINPPMNPHDRRSGADGIWEPWPGYLVGGGWPGPKDWVDIQDSYQTNEIAINWNAALIYALAGFVNYNSPQNEVLYG
DVNDDGKVNSTDLTLLKRYVLKAVSTLPSSKAEKNADVNRDGRVNSSDVTILSRYLIRVIEKLPI
;
A
2 'polypeptide(L)'
;MRGSHHHHHHGSVKVKFHQIGEEKEVDTSKIKKVWRINTRLGMRVAFTYDDNGKTGRGMVPEKDAPKELLDMLARAEGKL
N
;
B
#
loop_
_chem_comp.id
_chem_comp.type
_chem_comp.name
_chem_comp.formula
CA non-polymer 'CALCIUM ION' 'Ca 2'
GOL non-polymer GLYCEROL 'C3 H8 O3'
ZN non-polymer 'ZINC ION' 'Zn 2'
#
# COMPACT_ATOMS: atom_id res chain seq x y z
N LEU A 10 -45.44 32.94 9.27
CA LEU A 10 -46.47 32.47 10.23
C LEU A 10 -46.53 30.93 10.08
N ILE A 11 -46.72 30.43 8.85
CA ILE A 11 -46.88 28.97 8.58
C ILE A 11 -45.88 28.38 7.61
N GLU A 12 -45.26 27.23 7.95
CA GLU A 12 -44.37 26.51 7.07
C GLU A 12 -44.72 25.01 7.10
N THR A 13 -45.01 24.45 5.93
CA THR A 13 -45.18 23.00 5.69
C THR A 13 -44.33 22.60 4.48
N LYS A 14 -43.59 21.51 4.62
CA LYS A 14 -42.71 20.95 3.58
C LYS A 14 -43.50 20.34 2.38
N VAL A 15 -43.00 20.61 1.18
CA VAL A 15 -43.47 19.93 -0.05
C VAL A 15 -43.21 18.40 0.04
N SER A 16 -44.11 17.63 -0.58
CA SER A 16 -43.95 16.20 -0.75
C SER A 16 -42.65 15.85 -1.41
N ALA A 17 -42.07 14.74 -0.97
CA ALA A 17 -40.94 14.11 -1.65
C ALA A 17 -41.36 13.75 -3.09
N ALA A 18 -40.42 13.91 -4.01
CA ALA A 18 -40.64 13.49 -5.41
C ALA A 18 -39.84 12.21 -5.72
N LYS A 19 -40.38 11.44 -6.68
CA LYS A 19 -39.67 10.31 -7.21
C LYS A 19 -39.16 10.62 -8.64
N ILE A 20 -38.04 9.98 -8.97
CA ILE A 20 -37.43 9.93 -10.33
C ILE A 20 -38.21 9.10 -11.31
N THR A 21 -38.23 9.57 -12.58
CA THR A 21 -38.41 8.71 -13.82
C THR A 21 -37.24 7.74 -14.10
N GLU A 22 -37.59 6.52 -14.47
CA GLU A 22 -36.64 5.38 -14.38
C GLU A 22 -35.83 5.24 -15.65
N ASN A 23 -35.92 6.25 -16.51
CA ASN A 23 -35.12 6.25 -17.74
C ASN A 23 -33.64 6.51 -17.50
N TYR A 24 -33.19 6.78 -16.26
CA TYR A 24 -31.72 6.99 -16.08
C TYR A 24 -30.88 5.74 -16.31
N GLN A 25 -29.88 5.88 -17.18
CA GLN A 25 -28.92 4.80 -17.51
C GLN A 25 -27.56 5.17 -16.94
N PHE A 26 -26.83 4.14 -16.52
CA PHE A 26 -25.46 4.32 -16.04
C PHE A 26 -24.65 5.06 -17.07
N ASP A 27 -23.88 6.03 -16.63
CA ASP A 27 -22.95 6.75 -17.51
C ASP A 27 -21.55 6.78 -16.89
N SER A 28 -20.58 6.31 -17.64
CA SER A 28 -19.20 6.15 -17.16
C SER A 28 -18.48 7.45 -16.86
N ARG A 29 -19.11 8.58 -17.16
CA ARG A 29 -18.55 9.91 -16.83
C ARG A 29 -18.86 10.30 -15.38
N ILE A 30 -19.70 9.53 -14.69
CA ILE A 30 -20.10 9.84 -13.32
C ILE A 30 -19.28 8.89 -12.44
N ARG A 31 -18.33 9.49 -11.73
CA ARG A 31 -17.21 8.76 -11.07
C ARG A 31 -17.22 8.97 -9.59
N LEU A 32 -17.52 7.90 -8.84
CA LEU A 32 -17.60 7.99 -7.39
C LEU A 32 -17.13 6.69 -6.72
N ASN A 33 -17.04 6.74 -5.37
CA ASN A 33 -16.73 5.56 -4.58
C ASN A 33 -17.77 4.52 -4.71
N SER A 34 -17.43 3.42 -5.37
CA SER A 34 -18.39 2.36 -5.66
C SER A 34 -18.71 1.44 -4.49
N ILE A 35 -18.02 1.59 -3.37
CA ILE A 35 -18.39 0.89 -2.16
C ILE A 35 -19.43 1.80 -1.43
N GLY A 36 -19.03 3.00 -1.09
CA GLY A 36 -19.96 3.97 -0.54
C GLY A 36 -19.30 4.93 0.42
N PHE A 37 -20.13 5.38 1.36
CA PHE A 37 -19.85 6.50 2.21
C PHE A 37 -20.27 6.26 3.65
N ILE A 38 -19.76 7.11 4.54
CA ILE A 38 -20.05 7.00 5.95
C ILE A 38 -20.88 8.21 6.39
N PRO A 39 -21.91 8.00 7.21
CA PRO A 39 -22.62 9.14 7.79
C PRO A 39 -21.67 10.14 8.47
N ASN A 40 -21.96 11.41 8.32
CA ASN A 40 -21.17 12.51 8.88
C ASN A 40 -19.81 12.77 8.29
N HIS A 41 -19.56 12.14 7.13
CA HIS A 41 -18.37 12.37 6.36
C HIS A 41 -18.64 12.81 4.93
N SER A 42 -17.60 13.26 4.28
CA SER A 42 -17.68 13.82 2.93
CA SER A 42 -17.71 13.80 2.91
C SER A 42 -18.14 12.75 1.92
N LYS A 43 -18.92 13.19 0.92
CA LYS A 43 -19.43 12.34 -0.12
C LYS A 43 -19.44 13.15 -1.41
N LYS A 44 -18.62 12.72 -2.38
CA LYS A 44 -18.44 13.49 -3.59
C LYS A 44 -18.43 12.58 -4.82
N ALA A 45 -18.87 13.13 -5.94
CA ALA A 45 -18.67 12.45 -7.20
C ALA A 45 -18.01 13.47 -8.14
N THR A 46 -17.25 12.94 -9.11
CA THR A 46 -16.68 13.72 -10.19
C THR A 46 -17.44 13.36 -11.43
N ILE A 47 -17.98 14.37 -12.11
CA ILE A 47 -18.76 14.17 -13.31
C ILE A 47 -18.02 14.80 -14.46
N ALA A 48 -17.50 13.96 -15.33
CA ALA A 48 -16.63 14.41 -16.44
C ALA A 48 -17.48 14.73 -17.65
N ALA A 49 -18.42 15.67 -17.42
CA ALA A 49 -19.42 16.09 -18.40
C ALA A 49 -20.10 17.36 -17.90
N ASN A 50 -20.45 18.28 -18.82
CA ASN A 50 -21.16 19.47 -18.46
C ASN A 50 -22.47 19.05 -17.81
N CYS A 51 -22.78 19.67 -16.67
CA CYS A 51 -23.99 19.40 -15.93
C CYS A 51 -24.23 20.46 -14.88
N SER A 52 -25.38 20.39 -14.22
CA SER A 52 -25.66 21.35 -13.13
C SER A 52 -26.36 20.61 -12.04
N THR A 53 -27.66 20.42 -12.20
CA THR A 53 -28.45 19.77 -11.19
C THR A 53 -28.06 18.29 -11.08
N PHE A 54 -28.06 17.80 -9.84
CA PHE A 54 -28.02 16.40 -9.59
C PHE A 54 -28.95 16.04 -8.43
N TYR A 55 -29.36 14.79 -8.41
CA TYR A 55 -30.18 14.23 -7.39
C TYR A 55 -29.53 13.01 -6.74
N VAL A 56 -29.68 12.86 -5.43
CA VAL A 56 -29.33 11.62 -4.73
C VAL A 56 -30.66 10.92 -4.53
N VAL A 57 -30.71 9.68 -5.00
CA VAL A 57 -31.94 8.94 -5.18
C VAL A 57 -31.88 7.62 -4.46
N LYS A 58 -32.88 7.30 -3.67
CA LYS A 58 -32.94 6.00 -3.05
C LYS A 58 -33.13 4.99 -4.16
N GLU A 59 -32.77 3.77 -3.82
CA GLU A 59 -32.90 2.66 -4.72
C GLU A 59 -34.34 2.57 -5.22
N ASP A 60 -35.33 2.91 -4.39
CA ASP A 60 -36.76 2.97 -4.82
C ASP A 60 -37.21 4.19 -5.69
N GLY A 61 -36.32 5.08 -6.04
CA GLY A 61 -36.69 6.22 -6.87
C GLY A 61 -36.91 7.53 -6.10
N THR A 62 -37.04 7.49 -4.80
CA THR A 62 -37.27 8.70 -4.01
C THR A 62 -36.05 9.64 -3.97
N ILE A 63 -36.27 10.91 -4.34
CA ILE A 63 -35.22 11.89 -4.31
C ILE A 63 -35.07 12.40 -2.89
N VAL A 64 -33.85 12.32 -2.35
CA VAL A 64 -33.57 12.71 -0.96
C VAL A 64 -32.73 13.99 -0.92
N TYR A 65 -32.16 14.36 -2.04
CA TYR A 65 -31.27 15.52 -2.11
C TYR A 65 -31.17 16.07 -3.50
N THR A 66 -31.22 17.38 -3.59
CA THR A 66 -31.05 18.10 -4.85
C THR A 66 -29.89 19.06 -4.69
N GLY A 67 -28.93 18.94 -5.57
CA GLY A 67 -27.77 19.81 -5.52
C GLY A 67 -27.39 20.34 -6.86
N THR A 68 -26.42 21.24 -6.82
CA THR A 68 -25.77 21.80 -8.01
C THR A 68 -24.28 21.46 -8.03
N ALA A 69 -23.85 20.79 -9.11
CA ALA A 69 -22.45 20.45 -9.28
C ALA A 69 -21.65 21.68 -9.61
N THR A 70 -20.41 21.76 -9.13
CA THR A 70 -19.57 22.92 -9.35
C THR A 70 -18.35 22.55 -10.25
N SER A 71 -18.04 23.43 -11.19
CA SER A 71 -16.97 23.14 -12.16
C SER A 71 -15.64 23.25 -11.43
N MET A 72 -14.70 22.45 -11.86
CA MET A 72 -13.39 22.46 -11.34
C MET A 72 -12.41 21.99 -12.42
N PHE A 73 -11.25 22.63 -12.52
CA PHE A 73 -10.23 22.17 -13.45
C PHE A 73 -9.38 21.06 -12.77
N ASP A 74 -9.35 19.89 -13.39
CA ASP A 74 -8.48 18.78 -12.97
C ASP A 74 -7.16 18.95 -13.74
N ASN A 75 -6.18 19.53 -13.07
CA ASN A 75 -4.87 19.77 -13.71
CA ASN A 75 -4.86 19.79 -13.63
C ASN A 75 -4.22 18.44 -14.09
N ASP A 76 -4.52 17.36 -13.36
CA ASP A 76 -3.94 16.10 -13.64
C ASP A 76 -4.32 15.60 -15.01
N THR A 77 -5.62 15.52 -15.34
CA THR A 77 -6.06 15.06 -16.62
C THR A 77 -6.29 16.21 -17.61
N LYS A 78 -6.02 17.45 -17.16
CA LYS A 78 -6.19 18.65 -17.98
C LYS A 78 -7.62 18.82 -18.56
N GLU A 79 -8.63 18.65 -17.72
CA GLU A 79 -10.05 18.64 -18.10
C GLU A 79 -10.80 19.35 -17.05
N THR A 80 -11.84 20.06 -17.48
CA THR A 80 -12.77 20.64 -16.54
C THR A 80 -13.74 19.50 -16.16
N VAL A 81 -13.98 19.30 -14.87
CA VAL A 81 -14.91 18.34 -14.39
C VAL A 81 -15.90 19.05 -13.45
N TYR A 82 -16.98 18.36 -13.08
CA TYR A 82 -18.04 18.96 -12.26
C TYR A 82 -18.15 18.16 -10.98
N ILE A 83 -18.07 18.79 -9.83
CA ILE A 83 -18.05 18.11 -8.58
C ILE A 83 -19.44 18.19 -7.92
N ALA A 84 -20.02 17.03 -7.61
CA ALA A 84 -21.28 16.90 -6.90
C ALA A 84 -20.94 16.57 -5.45
N ASP A 85 -21.30 17.47 -4.55
CA ASP A 85 -21.09 17.29 -3.11
C ASP A 85 -22.42 17.00 -2.45
N PHE A 86 -22.58 15.76 -1.97
CA PHE A 86 -23.82 15.33 -1.36
C PHE A 86 -23.52 14.84 0.05
N SER A 87 -22.54 15.50 0.66
CA SER A 87 -22.09 15.14 2.02
C SER A 87 -23.21 15.20 3.11
N SER A 88 -24.17 16.06 2.89
CA SER A 88 -25.28 16.23 3.81
C SER A 88 -26.29 15.08 3.87
N VAL A 89 -26.19 14.11 2.92
CA VAL A 89 -27.01 12.94 2.94
C VAL A 89 -26.39 11.94 3.90
N ASN A 90 -27.05 11.73 5.04
CA ASN A 90 -26.51 10.86 6.07
C ASN A 90 -27.33 9.62 6.43
N GLU A 91 -28.60 9.58 6.03
CA GLU A 91 -29.42 8.41 6.30
C GLU A 91 -28.82 7.16 5.68
N GLU A 92 -28.77 6.07 6.45
CA GLU A 92 -28.20 4.85 5.92
C GLU A 92 -29.14 4.26 4.87
N GLY A 93 -28.56 3.64 3.87
CA GLY A 93 -29.29 3.04 2.77
C GLY A 93 -28.49 2.91 1.49
N THR A 94 -29.19 2.45 0.44
CA THR A 94 -28.64 2.30 -0.89
C THR A 94 -29.19 3.43 -1.78
N TYR A 95 -28.32 4.08 -2.53
CA TYR A 95 -28.63 5.24 -3.34
C TYR A 95 -27.91 5.18 -4.68
N TYR A 96 -28.32 6.08 -5.59
CA TYR A 96 -27.46 6.42 -6.76
C TYR A 96 -27.56 7.93 -7.00
N LEU A 97 -26.65 8.45 -7.82
CA LEU A 97 -26.67 9.83 -8.19
C LEU A 97 -27.26 9.89 -9.58
N ALA A 98 -28.27 10.74 -9.74
CA ALA A 98 -28.88 10.97 -11.07
C ALA A 98 -28.52 12.37 -11.52
N VAL A 99 -27.96 12.46 -12.71
CA VAL A 99 -27.42 13.68 -13.26
C VAL A 99 -28.16 13.98 -14.57
N PRO A 100 -29.21 14.81 -14.51
CA PRO A 100 -29.95 15.13 -15.76
C PRO A 100 -29.02 15.55 -16.86
N GLY A 101 -29.23 14.94 -18.02
CA GLY A 101 -28.39 15.31 -19.19
C GLY A 101 -27.16 14.43 -19.31
N VAL A 102 -26.90 13.63 -18.28
CA VAL A 102 -25.69 12.79 -18.29
C VAL A 102 -26.07 11.31 -18.10
N GLY A 103 -26.65 11.00 -16.96
CA GLY A 103 -27.04 9.67 -16.65
C GLY A 103 -27.01 9.47 -15.14
N LYS A 104 -26.81 8.23 -14.73
CA LYS A 104 -26.67 7.92 -13.30
C LYS A 104 -25.38 7.20 -12.96
N SER A 105 -25.03 7.28 -11.68
CA SER A 105 -23.91 6.57 -11.15
C SER A 105 -24.32 5.14 -10.86
N VAL A 106 -23.34 4.28 -10.52
CA VAL A 106 -23.65 2.97 -9.94
C VAL A 106 -24.34 3.18 -8.59
N ASN A 107 -24.98 2.14 -8.09
CA ASN A 107 -25.53 2.22 -6.75
C ASN A 107 -24.36 2.18 -5.71
N PHE A 108 -24.56 2.87 -4.59
CA PHE A 108 -23.61 2.87 -3.54
C PHE A 108 -24.38 2.81 -2.21
N LYS A 109 -23.68 2.49 -1.14
CA LYS A 109 -24.30 2.44 0.17
C LYS A 109 -23.79 3.60 1.03
N ILE A 110 -24.65 4.08 1.91
CA ILE A 110 -24.27 4.99 3.01
C ILE A 110 -24.51 4.15 4.27
N ALA A 111 -23.43 3.88 5.04
CA ALA A 111 -23.52 3.09 6.22
C ALA A 111 -22.32 3.33 7.11
N MET A 112 -22.51 3.27 8.43
CA MET A 112 -21.35 3.40 9.34
C MET A 112 -20.36 2.27 9.06
N ASN A 113 -20.86 1.04 8.74
CA ASN A 113 -19.98 -0.07 8.50
C ASN A 113 -19.66 -0.40 7.06
N VAL A 114 -19.77 0.61 6.21
CA VAL A 114 -19.72 0.45 4.75
C VAL A 114 -18.45 -0.23 4.29
N TYR A 115 -17.31 0.01 4.99
CA TYR A 115 -16.05 -0.53 4.55
C TYR A 115 -15.64 -1.90 5.14
N GLU A 116 -16.44 -2.46 6.02
CA GLU A 116 -16.05 -3.70 6.71
C GLU A 116 -15.85 -4.90 5.78
N ASP A 117 -16.71 -5.07 4.77
CA ASP A 117 -16.55 -6.15 3.83
C ASP A 117 -15.26 -5.95 3.00
N ALA A 118 -14.97 -4.71 2.60
CA ALA A 118 -13.80 -4.43 1.82
C ALA A 118 -12.53 -4.71 2.66
N PHE A 119 -12.56 -4.35 3.94
CA PHE A 119 -11.47 -4.64 4.86
C PHE A 119 -11.25 -6.15 4.92
N LYS A 120 -12.33 -6.90 5.12
CA LYS A 120 -12.21 -8.33 5.22
C LYS A 120 -11.66 -8.96 3.90
N THR A 121 -12.01 -8.35 2.77
CA THR A 121 -11.57 -8.88 1.50
C THR A 121 -10.10 -8.57 1.29
N ALA A 122 -9.63 -7.40 1.66
CA ALA A 122 -8.22 -7.07 1.57
C ALA A 122 -7.39 -8.03 2.49
N MET A 123 -7.93 -8.37 3.68
CA MET A 123 -7.34 -9.32 4.54
C MET A 123 -7.33 -10.73 3.94
N LEU A 124 -8.39 -11.08 3.24
CA LEU A 124 -8.46 -12.32 2.49
C LEU A 124 -7.32 -12.39 1.47
N GLY A 125 -7.03 -11.30 0.79
CA GLY A 125 -5.94 -11.26 -0.14
C GLY A 125 -4.63 -11.65 0.53
N MET A 126 -4.42 -11.18 1.76
CA MET A 126 -3.18 -11.58 2.48
C MET A 126 -3.19 -13.12 2.79
N TYR A 127 -4.26 -13.63 3.29
CA TYR A 127 -4.44 -15.03 3.56
C TYR A 127 -4.08 -15.82 2.30
N LEU A 128 -4.64 -15.39 1.19
CA LEU A 128 -4.44 -16.07 -0.09
C LEU A 128 -3.06 -15.95 -0.67
N LEU A 129 -2.25 -15.02 -0.15
CA LEU A 129 -0.83 -14.91 -0.48
C LEU A 129 0.10 -15.78 0.35
N ARG A 130 -0.44 -16.49 1.34
CA ARG A 130 0.42 -17.32 2.21
C ARG A 130 1.21 -18.37 1.41
N CYS A 131 2.42 -18.58 1.85
CA CYS A 131 3.36 -19.51 1.27
C CYS A 131 3.64 -20.65 2.27
N GLY A 132 3.93 -21.83 1.79
CA GLY A 132 4.23 -22.94 2.65
C GLY A 132 3.11 -23.78 3.11
N THR A 133 1.89 -23.45 2.68
CA THR A 133 0.70 -24.09 3.08
C THR A 133 -0.29 -24.12 1.92
N SER A 134 -1.20 -25.05 1.93
CA SER A 134 -2.35 -24.95 1.06
C SER A 134 -3.19 -23.77 1.51
N VAL A 135 -3.89 -23.12 0.58
CA VAL A 135 -4.83 -22.06 0.90
C VAL A 135 -6.12 -22.35 0.16
N SER A 136 -7.24 -21.94 0.72
CA SER A 136 -8.54 -22.18 0.11
C SER A 136 -9.56 -21.26 0.66
N ALA A 137 -10.29 -20.58 -0.21
CA ALA A 137 -11.41 -19.72 0.20
C ALA A 137 -12.42 -19.66 -0.91
N THR A 138 -13.71 -19.48 -0.54
CA THR A 138 -14.75 -19.23 -1.49
C THR A 138 -15.12 -17.75 -1.39
N TYR A 139 -15.04 -17.03 -2.50
CA TYR A 139 -15.25 -15.61 -2.53
C TYR A 139 -16.33 -15.37 -3.58
N ASN A 140 -17.44 -14.75 -3.19
CA ASN A 140 -18.56 -14.55 -4.07
C ASN A 140 -18.86 -15.75 -4.91
N GLY A 141 -18.83 -16.91 -4.28
CA GLY A 141 -19.22 -18.19 -4.87
C GLY A 141 -18.14 -18.84 -5.71
N ILE A 142 -16.97 -18.21 -5.79
CA ILE A 142 -15.85 -18.72 -6.56
C ILE A 142 -14.80 -19.29 -5.61
N HIS A 143 -14.38 -20.53 -5.88
CA HIS A 143 -13.40 -21.22 -5.06
C HIS A 143 -11.96 -21.01 -5.56
N TYR A 144 -11.20 -20.30 -4.78
CA TYR A 144 -9.82 -20.03 -5.04
C TYR A 144 -8.98 -20.98 -4.12
N SER A 145 -8.02 -21.65 -4.65
CA SER A 145 -7.19 -22.53 -3.88
C SER A 145 -5.87 -22.88 -4.55
N HIS A 146 -4.93 -23.29 -3.73
CA HIS A 146 -3.71 -23.96 -4.23
C HIS A 146 -3.18 -24.87 -3.13
N GLY A 147 -2.42 -25.89 -3.54
CA GLY A 147 -1.82 -26.83 -2.64
C GLY A 147 -0.56 -26.25 -1.94
N PRO A 148 0.04 -27.00 -1.05
CA PRO A 148 1.22 -26.49 -0.31
C PRO A 148 2.37 -26.21 -1.26
N CYS A 149 2.92 -25.01 -1.09
CA CYS A 149 4.00 -24.50 -1.92
C CYS A 149 5.27 -24.17 -1.18
N HIS A 150 6.39 -24.31 -1.88
CA HIS A 150 7.68 -23.86 -1.37
C HIS A 150 7.99 -24.43 -0.01
N THR A 151 7.71 -25.73 0.12
CA THR A 151 7.89 -26.42 1.40
C THR A 151 9.33 -26.78 1.70
N ASN A 152 10.22 -26.56 0.73
CA ASN A 152 11.66 -26.83 0.85
C ASN A 152 12.49 -25.52 0.99
N ASP A 153 11.83 -24.45 1.36
CA ASP A 153 12.51 -23.21 1.70
C ASP A 153 13.35 -23.43 2.96
N ALA A 154 14.64 -23.10 2.97
CA ALA A 154 15.45 -22.62 1.85
C ALA A 154 16.90 -23.07 2.03
N TYR A 155 17.66 -22.99 0.97
CA TYR A 155 19.02 -23.44 1.03
C TYR A 155 20.02 -22.35 1.31
N LEU A 156 21.12 -22.73 1.97
CA LEU A 156 22.14 -21.85 2.47
C LEU A 156 23.37 -21.63 1.54
N ASP A 157 23.32 -22.14 0.31
CA ASP A 157 24.49 -22.14 -0.56
C ASP A 157 25.12 -20.74 -0.68
N TYR A 158 24.30 -19.71 -0.80
CA TYR A 158 24.82 -18.37 -0.99
C TYR A 158 25.23 -17.65 0.28
N ILE A 159 24.84 -18.22 1.41
CA ILE A 159 25.14 -17.63 2.71
C ILE A 159 26.48 -18.15 3.18
N ASN A 160 26.67 -19.47 3.18
CA ASN A 160 27.87 -20.04 3.75
C ASN A 160 28.51 -21.12 2.90
N GLY A 161 28.04 -21.23 1.67
CA GLY A 161 28.56 -22.18 0.67
C GLY A 161 28.05 -23.57 0.75
N GLN A 162 27.29 -23.89 1.78
CA GLN A 162 26.86 -25.24 2.01
C GLN A 162 25.39 -25.45 1.54
N HIS A 163 25.15 -26.56 0.84
CA HIS A 163 23.84 -26.84 0.36
C HIS A 163 23.04 -27.51 1.47
N THR A 164 22.80 -26.74 2.49
CA THR A 164 22.10 -27.12 3.73
C THR A 164 20.77 -26.39 3.72
N LYS A 165 19.69 -27.10 4.01
CA LYS A 165 18.39 -26.50 4.19
C LYS A 165 18.22 -26.02 5.64
N LYS A 166 17.72 -24.80 5.78
CA LYS A 166 17.28 -24.24 7.04
C LYS A 166 15.87 -23.81 6.76
N ASP A 167 14.95 -24.20 7.65
CA ASP A 167 13.52 -23.88 7.45
C ASP A 167 13.34 -22.37 7.29
N SER A 168 12.74 -21.98 6.16
CA SER A 168 12.39 -20.60 5.88
C SER A 168 11.06 -20.54 5.17
N THR A 169 10.18 -21.49 5.55
CA THR A 169 8.81 -21.55 5.06
C THR A 169 7.95 -20.51 5.74
N LYS A 170 6.74 -20.42 5.22
CA LYS A 170 5.72 -19.53 5.70
C LYS A 170 5.87 -18.14 5.14
N GLY A 171 5.20 -17.15 5.76
CA GLY A 171 5.19 -15.87 5.17
C GLY A 171 4.28 -15.70 3.99
N TRP A 172 4.31 -14.52 3.40
CA TRP A 172 3.49 -14.19 2.24
C TRP A 172 4.37 -14.11 0.97
N HIS A 173 3.87 -14.68 -0.11
CA HIS A 173 4.36 -14.36 -1.45
C HIS A 173 4.30 -12.81 -1.60
N ASP A 174 5.30 -12.20 -2.13
CA ASP A 174 5.42 -10.73 -2.12
C ASP A 174 4.46 -9.98 -2.99
N ALA A 175 4.23 -10.53 -4.17
CA ALA A 175 3.64 -9.79 -5.27
C ALA A 175 2.98 -10.71 -6.26
N GLY A 176 3.16 -10.46 -7.57
CA GLY A 176 2.76 -11.40 -8.54
C GLY A 176 3.70 -12.58 -8.71
N ASP A 177 4.92 -12.47 -8.16
CA ASP A 177 5.89 -13.52 -8.03
C ASP A 177 5.78 -14.10 -6.63
N TYR A 178 6.42 -15.23 -6.42
CA TYR A 178 6.31 -16.00 -5.16
C TYR A 178 7.45 -15.80 -4.20
N ASN A 179 8.45 -15.01 -4.54
CA ASN A 179 9.61 -14.83 -3.70
C ASN A 179 9.24 -13.97 -2.48
N LYS A 180 10.08 -13.97 -1.47
CA LYS A 180 9.76 -13.39 -0.15
C LYS A 180 10.95 -12.50 0.20
N TYR A 181 10.69 -11.20 0.40
CA TYR A 181 11.67 -10.13 0.50
C TYR A 181 11.53 -9.41 1.83
N VAL A 182 12.61 -9.39 2.61
CA VAL A 182 12.58 -8.76 3.97
C VAL A 182 12.28 -7.28 3.92
N VAL A 183 12.95 -6.52 3.05
CA VAL A 183 12.79 -5.07 3.01
C VAL A 183 11.33 -4.71 2.69
N ASN A 184 10.69 -5.37 1.72
CA ASN A 184 9.29 -5.03 1.48
C ASN A 184 8.39 -5.49 2.63
N ALA A 185 8.73 -6.60 3.32
CA ALA A 185 8.00 -7.00 4.50
C ALA A 185 8.01 -5.90 5.54
N GLY A 186 9.10 -5.15 5.64
CA GLY A 186 9.26 -4.06 6.59
C GLY A 186 8.08 -3.09 6.54
N ILE A 187 7.88 -2.36 5.45
CA ILE A 187 6.75 -1.41 5.40
C ILE A 187 5.42 -2.11 5.53
N THR A 188 5.33 -3.34 5.00
CA THR A 188 4.06 -4.11 5.04
C THR A 188 3.68 -4.40 6.46
N VAL A 189 4.58 -5.05 7.18
CA VAL A 189 4.34 -5.44 8.57
C VAL A 189 4.26 -4.21 9.47
N GLY A 190 5.11 -3.21 9.23
CA GLY A 190 5.04 -2.00 10.06
C GLY A 190 3.74 -1.26 9.89
N SER A 191 3.26 -1.11 8.66
CA SER A 191 2.02 -0.47 8.46
C SER A 191 0.81 -1.24 9.02
N MET A 192 0.84 -2.59 8.96
CA MET A 192 -0.22 -3.38 9.50
C MET A 192 -0.18 -3.41 11.07
N PHE A 193 1.03 -3.49 11.62
CA PHE A 193 1.15 -3.39 13.07
C PHE A 193 0.73 -2.03 13.58
N LEU A 194 0.97 -0.96 12.83
CA LEU A 194 0.46 0.34 13.24
C LEU A 194 -1.04 0.49 13.07
N ALA A 195 -1.65 -0.20 12.13
CA ALA A 195 -3.10 -0.28 12.10
C ALA A 195 -3.61 -0.89 13.40
N TRP A 196 -2.96 -1.99 13.83
CA TRP A 196 -3.31 -2.64 15.09
C TRP A 196 -3.15 -1.65 16.26
N GLU A 197 -2.01 -0.96 16.38
CA GLU A 197 -1.85 -0.09 17.52
C GLU A 197 -2.75 1.13 17.48
N HIS A 198 -2.93 1.72 16.28
CA HIS A 198 -3.70 2.90 16.12
C HIS A 198 -5.18 2.67 16.27
N PHE A 199 -5.65 1.49 15.87
CA PHE A 199 -7.06 1.20 15.87
C PHE A 199 -7.37 -0.05 16.68
N LYS A 200 -6.58 -0.28 17.74
CA LYS A 200 -6.69 -1.57 18.47
C LYS A 200 -8.10 -1.90 18.92
N ASP A 201 -8.84 -0.96 19.54
CA ASP A 201 -10.18 -1.28 20.00
C ASP A 201 -11.15 -1.62 18.89
N GLN A 202 -10.87 -1.12 17.70
CA GLN A 202 -11.67 -1.40 16.49
C GLN A 202 -11.34 -2.76 15.91
N LEU A 203 -10.05 -3.13 15.89
CA LEU A 203 -9.64 -4.35 15.21
C LEU A 203 -9.61 -5.57 16.13
N GLU A 204 -9.40 -5.42 17.45
CA GLU A 204 -9.28 -6.57 18.33
CA GLU A 204 -9.27 -6.60 18.31
C GLU A 204 -10.47 -7.55 18.22
N PRO A 205 -11.73 -7.04 18.11
CA PRO A 205 -12.84 -7.99 18.02
C PRO A 205 -13.14 -8.60 16.64
N VAL A 206 -12.40 -8.19 15.61
CA VAL A 206 -12.68 -8.56 14.24
C VAL A 206 -12.42 -10.05 14.00
N ALA A 207 -13.44 -10.74 13.47
CA ALA A 207 -13.27 -12.14 13.07
C ALA A 207 -13.01 -12.16 11.58
N LEU A 208 -12.05 -12.98 11.18
CA LEU A 208 -11.66 -13.10 9.78
C LEU A 208 -11.82 -14.53 9.32
N GLU A 209 -11.95 -14.69 8.00
CA GLU A 209 -12.02 -16.02 7.38
C GLU A 209 -10.58 -16.50 7.15
N ILE A 210 -10.04 -17.09 8.23
CA ILE A 210 -8.69 -17.61 8.26
C ILE A 210 -8.75 -18.95 8.98
N PRO A 211 -7.73 -19.78 8.82
CA PRO A 211 -7.74 -21.08 9.52
C PRO A 211 -7.71 -20.94 11.10
N GLU A 212 -7.10 -19.82 11.56
CA GLU A 212 -6.86 -19.50 12.97
C GLU A 212 -8.05 -18.84 13.63
N LYS A 213 -9.23 -18.93 13.03
CA LYS A 213 -10.41 -18.26 13.54
C LYS A 213 -10.94 -18.74 14.89
N ASN A 214 -10.48 -19.90 15.38
CA ASN A 214 -10.94 -20.45 16.66
C ASN A 214 -9.84 -20.59 17.70
N ASN A 215 -8.71 -19.90 17.57
CA ASN A 215 -7.63 -19.97 18.57
C ASN A 215 -7.80 -18.77 19.54
N SER A 216 -6.83 -18.53 20.37
CA SER A 216 -6.98 -17.48 21.36
C SER A 216 -6.37 -16.17 20.98
N ILE A 217 -6.06 -16.01 19.69
CA ILE A 217 -5.38 -14.85 19.20
C ILE A 217 -6.36 -14.02 18.28
N PRO A 218 -6.35 -12.68 18.40
CA PRO A 218 -7.18 -11.91 17.49
C PRO A 218 -6.77 -12.24 16.05
N ASP A 219 -7.74 -12.39 15.18
CA ASP A 219 -7.48 -12.88 13.85
C ASP A 219 -6.57 -11.96 13.01
N PHE A 220 -6.67 -10.65 13.21
CA PHE A 220 -5.79 -9.73 12.52
C PHE A 220 -4.33 -10.10 12.83
N LEU A 221 -4.05 -10.39 14.11
CA LEU A 221 -2.71 -10.78 14.51
C LEU A 221 -2.29 -12.16 14.04
N ASP A 222 -3.22 -13.08 13.85
CA ASP A 222 -2.91 -14.39 13.28
C ASP A 222 -2.29 -14.21 11.88
N GLU A 223 -2.90 -13.33 11.07
CA GLU A 223 -2.38 -13.12 9.74
C GLU A 223 -0.95 -12.60 9.81
N LEU A 224 -0.72 -11.57 10.62
CA LEU A 224 0.62 -11.06 10.85
C LEU A 224 1.61 -12.12 11.37
N LYS A 225 1.16 -12.99 12.29
CA LYS A 225 2.05 -14.04 12.80
C LYS A 225 2.57 -14.94 11.72
N TYR A 226 1.76 -15.15 10.67
CA TYR A 226 2.19 -16.02 9.58
C TYR A 226 3.41 -15.41 8.90
N GLU A 227 3.43 -14.06 8.79
CA GLU A 227 4.59 -13.38 8.22
C GLU A 227 5.76 -13.35 9.22
N ILE A 228 5.50 -13.01 10.49
CA ILE A 228 6.60 -12.94 11.46
C ILE A 228 7.29 -14.31 11.59
N ASP A 229 6.52 -15.40 11.48
CA ASP A 229 7.08 -16.70 11.57
C ASP A 229 8.16 -16.89 10.48
N TRP A 230 7.97 -16.33 9.29
CA TRP A 230 8.95 -16.38 8.22
C TRP A 230 10.10 -15.44 8.56
N ILE A 231 9.79 -14.20 8.93
CA ILE A 231 10.81 -13.22 9.22
C ILE A 231 11.85 -13.74 10.23
N LEU A 232 11.36 -14.40 11.29
CA LEU A 232 12.22 -14.98 12.31
C LEU A 232 13.27 -15.96 11.83
N THR A 233 13.04 -16.54 10.62
CA THR A 233 13.97 -17.50 10.05
C THR A 233 15.10 -16.86 9.30
N MET A 234 15.09 -15.53 9.16
CA MET A 234 16.03 -14.87 8.29
C MET A 234 17.34 -14.44 8.87
N GLN A 235 17.53 -14.64 10.18
CA GLN A 235 18.84 -14.36 10.75
C GLN A 235 19.83 -15.41 10.32
N TYR A 236 21.08 -15.01 10.20
CA TYR A 236 22.14 -15.90 9.75
C TYR A 236 22.33 -17.01 10.80
N PRO A 237 22.58 -18.24 10.35
CA PRO A 237 22.84 -19.32 11.31
C PRO A 237 24.08 -19.21 12.12
N ASP A 238 24.98 -18.34 11.72
CA ASP A 238 26.25 -18.11 12.45
C ASP A 238 26.04 -17.35 13.74
N GLY A 239 24.81 -16.85 13.96
CA GLY A 239 24.53 -16.12 15.15
C GLY A 239 24.99 -14.66 15.20
N SER A 240 25.49 -14.17 14.09
CA SER A 240 25.96 -12.79 13.95
C SER A 240 24.87 -11.73 14.12
N GLY A 241 23.65 -12.11 13.82
CA GLY A 241 22.54 -11.16 13.79
C GLY A 241 22.27 -10.52 12.45
N ARG A 242 23.13 -10.82 11.46
CA ARG A 242 22.86 -10.32 10.10
C ARG A 242 21.60 -11.02 9.56
N VAL A 243 20.84 -10.34 8.75
CA VAL A 243 19.54 -10.84 8.25
C VAL A 243 19.62 -10.95 6.73
N ALA A 244 19.36 -12.16 6.25
CA ALA A 244 19.31 -12.47 4.80
C ALA A 244 18.26 -11.58 4.12
N HIS A 245 18.55 -11.13 2.89
CA HIS A 245 17.77 -10.13 2.22
C HIS A 245 16.45 -10.63 1.73
N LYS A 246 16.42 -11.85 1.27
CA LYS A 246 15.25 -12.47 0.66
C LYS A 246 15.43 -13.98 0.60
N VAL A 247 14.33 -14.68 0.35
CA VAL A 247 14.27 -16.09 -0.04
C VAL A 247 13.74 -16.10 -1.45
N SER A 248 14.51 -16.67 -2.36
CA SER A 248 14.18 -16.52 -3.74
C SER A 248 14.66 -17.69 -4.59
N THR A 249 13.95 -17.98 -5.67
CA THR A 249 14.52 -18.70 -6.78
C THR A 249 15.62 -17.82 -7.45
N ARG A 250 16.50 -18.41 -8.28
CA ARG A 250 17.45 -17.61 -8.94
C ARG A 250 16.89 -16.61 -9.92
N ASN A 251 15.89 -17.05 -10.69
CA ASN A 251 15.22 -16.19 -11.67
C ASN A 251 13.74 -16.19 -11.41
N PHE A 252 13.02 -15.28 -12.03
CA PHE A 252 11.56 -15.28 -11.94
C PHE A 252 11.03 -16.52 -12.70
N GLY A 253 10.23 -17.30 -12.03
CA GLY A 253 9.57 -18.44 -12.68
C GLY A 253 8.46 -18.05 -13.53
N GLY A 254 7.90 -19.04 -14.20
CA GLY A 254 6.75 -18.80 -15.05
C GLY A 254 5.44 -18.61 -14.38
N PHE A 255 4.39 -18.44 -15.19
CA PHE A 255 3.06 -18.27 -14.73
C PHE A 255 2.46 -19.62 -14.48
N ILE A 256 2.79 -20.15 -13.30
CA ILE A 256 2.47 -21.48 -12.84
C ILE A 256 1.89 -21.32 -11.40
N MET A 257 1.13 -22.28 -10.96
CA MET A 257 0.61 -22.32 -9.59
C MET A 257 1.84 -22.62 -8.65
N PRO A 258 1.83 -22.05 -7.45
CA PRO A 258 3.07 -22.08 -6.66
C PRO A 258 3.48 -23.49 -6.22
N GLU A 259 2.52 -24.38 -6.04
CA GLU A 259 2.82 -25.78 -5.67
C GLU A 259 3.52 -26.54 -6.83
N ASN A 260 3.49 -25.96 -8.06
CA ASN A 260 4.15 -26.51 -9.22
C ASN A 260 5.51 -25.92 -9.50
N GLU A 261 5.96 -25.06 -8.58
CA GLU A 261 7.27 -24.46 -8.71
C GLU A 261 8.26 -25.21 -7.85
N HIS A 262 9.04 -26.07 -8.49
CA HIS A 262 9.95 -26.94 -7.78
C HIS A 262 11.41 -26.46 -7.75
N ASP A 263 11.75 -25.38 -8.46
CA ASP A 263 13.10 -24.85 -8.43
C ASP A 263 13.53 -24.54 -7.01
N GLU A 264 14.76 -24.80 -6.69
CA GLU A 264 15.27 -24.54 -5.37
C GLU A 264 15.17 -23.04 -5.01
N ARG A 265 14.91 -22.79 -3.72
CA ARG A 265 14.91 -21.44 -3.22
C ARG A 265 16.04 -21.27 -2.20
N PHE A 266 16.62 -20.08 -2.21
CA PHE A 266 17.79 -19.79 -1.44
C PHE A 266 17.65 -18.58 -0.58
N PHE A 267 18.30 -18.61 0.57
CA PHE A 267 18.56 -17.37 1.33
C PHE A 267 19.58 -16.52 0.52
N VAL A 268 19.35 -15.21 0.42
CA VAL A 268 20.24 -14.33 -0.23
C VAL A 268 21.01 -13.50 0.78
N PRO A 269 22.31 -13.25 0.53
CA PRO A 269 23.15 -12.50 1.48
C PRO A 269 22.54 -11.24 2.07
N TRP A 270 22.97 -10.98 3.28
CA TRP A 270 22.42 -9.93 4.11
C TRP A 270 22.54 -8.48 3.58
N SER A 271 21.65 -7.60 4.04
CA SER A 271 21.80 -6.16 3.92
C SER A 271 21.61 -5.53 5.28
N SER A 272 22.14 -4.36 5.50
CA SER A 272 21.95 -3.64 6.73
C SER A 272 20.50 -3.22 6.84
N ALA A 273 19.89 -2.81 5.73
CA ALA A 273 18.50 -2.41 5.82
C ALA A 273 17.58 -3.60 6.21
N ALA A 274 17.76 -4.78 5.63
CA ALA A 274 16.97 -5.93 5.99
C ALA A 274 17.16 -6.21 7.49
N THR A 275 18.40 -6.06 7.97
CA THR A 275 18.71 -6.30 9.39
C THR A 275 17.95 -5.28 10.27
N ALA A 276 17.97 -4.01 9.90
CA ALA A 276 17.23 -3.01 10.65
C ALA A 276 15.74 -3.24 10.58
N ASP A 277 15.22 -3.59 9.39
CA ASP A 277 13.81 -3.84 9.23
C ASP A 277 13.37 -5.03 10.10
N PHE A 278 14.23 -6.05 10.19
CA PHE A 278 13.99 -7.21 11.04
C PHE A 278 13.87 -6.79 12.51
N VAL A 279 14.78 -5.91 12.95
CA VAL A 279 14.75 -5.40 14.34
C VAL A 279 13.40 -4.73 14.54
N ALA A 280 13.03 -3.77 13.69
CA ALA A 280 11.76 -3.02 13.90
C ALA A 280 10.58 -4.02 13.93
N MET A 281 10.50 -4.96 12.97
CA MET A 281 9.37 -5.85 12.91
C MET A 281 9.30 -6.75 14.13
N THR A 282 10.43 -7.33 14.56
CA THR A 282 10.43 -8.23 15.70
C THR A 282 10.25 -7.50 17.05
N ALA A 283 10.72 -6.26 17.17
CA ALA A 283 10.47 -5.49 18.34
C ALA A 283 8.98 -5.16 18.47
N MET A 284 8.35 -4.80 17.35
CA MET A 284 6.90 -4.55 17.35
C MET A 284 6.14 -5.86 17.69
N ALA A 285 6.51 -6.94 17.05
CA ALA A 285 5.91 -8.22 17.29
C ALA A 285 5.97 -8.60 18.77
N ALA A 286 7.13 -8.34 19.41
CA ALA A 286 7.30 -8.67 20.79
C ALA A 286 6.25 -7.99 21.65
N ARG A 287 6.06 -6.68 21.51
CA ARG A 287 5.08 -6.02 22.42
C ARG A 287 3.65 -6.39 22.02
N ILE A 288 3.40 -6.57 20.72
CA ILE A 288 2.03 -6.81 20.25
C ILE A 288 1.53 -8.23 20.53
N PHE A 289 2.39 -9.23 20.42
CA PHE A 289 2.00 -10.60 20.66
C PHE A 289 2.02 -11.00 22.10
N ARG A 290 2.73 -10.24 22.94
CA ARG A 290 2.93 -10.69 24.39
C ARG A 290 1.65 -11.07 25.16
N PRO A 291 0.54 -10.36 24.95
CA PRO A 291 -0.68 -10.75 25.71
C PRO A 291 -1.24 -12.10 25.31
N TYR A 292 -0.88 -12.55 24.09
CA TYR A 292 -1.52 -13.75 23.52
C TYR A 292 -0.60 -14.95 23.38
N ASP A 293 0.68 -14.74 23.06
CA ASP A 293 1.66 -15.78 22.95
C ASP A 293 2.96 -15.23 23.50
N PRO A 294 3.07 -15.24 24.81
CA PRO A 294 4.20 -14.54 25.41
C PRO A 294 5.53 -15.29 25.17
N GLN A 295 5.51 -16.61 24.96
CA GLN A 295 6.72 -17.32 24.62
C GLN A 295 7.27 -16.82 23.25
N TYR A 296 6.38 -16.70 22.28
CA TYR A 296 6.71 -16.15 20.98
C TYR A 296 7.20 -14.72 21.09
N ALA A 297 6.56 -13.91 21.95
CA ALA A 297 7.01 -12.51 22.16
C ALA A 297 8.47 -12.47 22.66
N GLU A 298 8.82 -13.34 23.62
CA GLU A 298 10.17 -13.44 24.16
C GLU A 298 11.17 -13.82 23.03
N LYS A 299 10.78 -14.77 22.17
CA LYS A 299 11.60 -15.15 21.07
C LYS A 299 11.87 -13.94 20.17
N CYS A 300 10.81 -13.19 19.89
CA CYS A 300 10.88 -12.01 19.01
C CYS A 300 11.86 -10.98 19.60
N ILE A 301 11.74 -10.64 20.90
CA ILE A 301 12.56 -9.60 21.47
C ILE A 301 14.03 -10.02 21.58
N ASN A 302 14.27 -11.30 21.89
CA ASN A 302 15.64 -11.79 21.94
C ASN A 302 16.29 -11.73 20.57
N ALA A 303 15.55 -12.06 19.50
CA ALA A 303 16.04 -11.98 18.15
C ALA A 303 16.32 -10.53 17.77
N ALA A 304 15.39 -9.63 18.09
CA ALA A 304 15.56 -8.22 17.84
C ALA A 304 16.86 -7.73 18.48
N LYS A 305 17.10 -8.12 19.71
CA LYS A 305 18.30 -7.67 20.42
C LYS A 305 19.60 -8.15 19.74
N VAL A 306 19.63 -9.38 19.26
CA VAL A 306 20.82 -9.94 18.57
C VAL A 306 21.12 -9.07 17.36
N SER A 307 20.10 -8.78 16.56
CA SER A 307 20.33 -8.02 15.36
C SER A 307 20.62 -6.58 15.65
N TYR A 308 19.99 -5.98 16.70
CA TYR A 308 20.28 -4.59 17.03
C TYR A 308 21.73 -4.48 17.51
N GLU A 309 22.22 -5.43 18.31
CA GLU A 309 23.64 -5.47 18.72
C GLU A 309 24.56 -5.47 17.51
N PHE A 310 24.20 -6.27 16.48
CA PHE A 310 25.00 -6.27 15.26
C PHE A 310 25.05 -4.88 14.63
N LEU A 311 23.85 -4.26 14.50
CA LEU A 311 23.76 -2.97 13.89
C LEU A 311 24.50 -1.87 14.67
N LYS A 312 24.48 -1.95 15.98
CA LYS A 312 25.20 -1.02 16.85
C LYS A 312 26.74 -1.16 16.60
N ASN A 313 27.22 -2.37 16.43
CA ASN A 313 28.65 -2.64 16.28
C ASN A 313 29.13 -2.46 14.82
N ASN A 314 28.19 -2.40 13.87
CA ASN A 314 28.44 -2.32 12.44
C ASN A 314 27.56 -1.25 11.81
N PRO A 315 27.94 0.01 12.01
CA PRO A 315 27.06 1.14 11.61
C PRO A 315 26.88 1.43 10.12
N ALA A 316 27.74 0.87 9.28
CA ALA A 316 27.74 1.19 7.88
C ALA A 316 26.55 0.64 7.11
N ASN A 317 26.18 1.38 6.06
CA ASN A 317 25.15 0.95 5.14
C ASN A 317 25.76 -0.16 4.23
N VAL A 318 25.11 -1.32 4.18
CA VAL A 318 25.57 -2.45 3.40
C VAL A 318 24.45 -2.95 2.50
N PHE A 319 24.69 -2.97 1.19
CA PHE A 319 23.76 -3.49 0.24
C PHE A 319 23.94 -5.00 0.13
N ALA A 320 22.84 -5.72 -0.04
CA ALA A 320 22.89 -7.16 -0.21
C ALA A 320 23.66 -7.50 -1.47
N ASN A 321 24.47 -8.53 -1.36
CA ASN A 321 25.09 -9.16 -2.55
C ASN A 321 24.15 -10.10 -3.20
N GLN A 322 23.48 -9.62 -4.23
CA GLN A 322 22.44 -10.40 -4.91
C GLN A 322 22.94 -11.04 -6.20
N SER A 323 24.28 -11.22 -6.30
CA SER A 323 24.86 -11.90 -7.44
C SER A 323 24.23 -13.25 -7.55
N GLY A 324 23.87 -13.64 -8.77
CA GLY A 324 23.27 -14.95 -8.98
C GLY A 324 21.73 -14.91 -9.09
N PHE A 325 21.11 -13.79 -8.70
CA PHE A 325 19.66 -13.66 -8.66
C PHE A 325 19.20 -12.54 -9.59
N SER A 326 18.03 -12.74 -10.18
CA SER A 326 17.43 -11.74 -11.04
C SER A 326 15.99 -11.42 -10.69
N THR A 327 15.59 -11.75 -9.46
CA THR A 327 14.29 -11.50 -8.94
C THR A 327 14.28 -10.13 -8.29
N GLY A 328 13.24 -9.78 -7.55
CA GLY A 328 13.16 -8.45 -6.94
C GLY A 328 14.40 -8.12 -6.11
N GLU A 329 14.89 -6.89 -6.20
CA GLU A 329 16.03 -6.49 -5.40
C GLU A 329 15.61 -5.83 -4.09
N TYR A 330 14.56 -4.99 -4.09
CA TYR A 330 14.22 -4.16 -2.92
C TYR A 330 15.50 -3.67 -2.25
N ALA A 331 16.37 -3.02 -3.03
CA ALA A 331 17.64 -2.52 -2.57
C ALA A 331 17.43 -1.05 -2.19
N THR A 332 16.97 -0.82 -0.97
CA THR A 332 16.76 0.48 -0.50
C THR A 332 18.08 1.25 -0.54
N VAL A 333 18.04 2.52 -0.98
CA VAL A 333 19.26 3.31 -1.20
C VAL A 333 20.04 3.61 0.07
N SER A 334 19.33 3.62 1.20
CA SER A 334 19.96 3.96 2.49
C SER A 334 19.23 3.16 3.61
N ASP A 335 19.98 2.85 4.65
CA ASP A 335 19.45 2.22 5.84
C ASP A 335 19.27 3.22 6.99
N ALA A 336 19.46 4.51 6.74
CA ALA A 336 19.36 5.47 7.84
C ALA A 336 17.93 5.56 8.39
N ASP A 337 16.97 5.51 7.49
CA ASP A 337 15.55 5.49 7.86
C ASP A 337 15.23 4.19 8.55
N ASP A 338 15.75 3.09 8.02
CA ASP A 338 15.50 1.77 8.58
C ASP A 338 16.03 1.64 10.02
N ARG A 339 17.25 2.16 10.21
CA ARG A 339 17.85 2.17 11.54
C ARG A 339 17.10 3.09 12.52
N LEU A 340 16.59 4.24 12.01
CA LEU A 340 15.75 5.14 12.85
C LEU A 340 14.53 4.41 13.29
N TRP A 341 13.87 3.70 12.38
CA TRP A 341 12.68 2.96 12.71
C TRP A 341 13.00 1.84 13.74
N ALA A 342 14.06 1.12 13.53
CA ALA A 342 14.48 0.08 14.47
C ALA A 342 14.65 0.68 15.85
N ALA A 343 15.35 1.80 15.98
CA ALA A 343 15.54 2.39 17.29
C ALA A 343 14.23 2.78 17.93
N ALA A 344 13.33 3.41 17.15
CA ALA A 344 12.03 3.77 17.70
C ALA A 344 11.29 2.59 18.29
N GLU A 345 11.28 1.47 17.54
CA GLU A 345 10.52 0.31 17.97
C GLU A 345 11.17 -0.39 19.18
N MET A 346 12.48 -0.47 19.21
CA MET A 346 13.18 -0.97 20.37
C MET A 346 12.82 -0.11 21.57
N TRP A 347 12.82 1.19 21.39
CA TRP A 347 12.49 2.09 22.50
C TRP A 347 11.09 1.88 22.95
N GLU A 348 10.15 1.84 22.03
CA GLU A 348 8.76 1.67 22.41
C GLU A 348 8.49 0.34 23.15
N THR A 349 9.12 -0.72 22.69
CA THR A 349 8.96 -2.01 23.35
C THR A 349 9.65 -2.13 24.68
N LEU A 350 10.87 -1.65 24.78
CA LEU A 350 11.72 -1.86 25.96
C LEU A 350 11.92 -0.65 26.83
N GLY A 351 11.98 0.53 26.24
CA GLY A 351 12.12 1.76 27.02
C GLY A 351 13.53 2.23 27.43
N ASP A 352 14.55 1.44 27.10
CA ASP A 352 15.86 1.78 27.54
C ASP A 352 16.33 3.09 26.94
N GLU A 353 17.04 3.86 27.76
CA GLU A 353 17.58 5.14 27.36
C GLU A 353 18.45 5.00 26.11
N GLU A 354 19.22 3.96 25.99
CA GLU A 354 20.06 3.80 24.79
C GLU A 354 19.28 3.85 23.50
N TYR A 355 18.10 3.21 23.49
CA TYR A 355 17.25 3.19 22.29
C TYR A 355 16.70 4.57 22.02
N LEU A 356 16.31 5.23 23.09
CA LEU A 356 15.74 6.57 22.93
C LEU A 356 16.82 7.52 22.38
N ARG A 357 18.02 7.40 22.92
CA ARG A 357 19.08 8.24 22.47
C ARG A 357 19.46 7.98 20.98
N ASP A 358 19.48 6.75 20.57
CA ASP A 358 19.70 6.37 19.21
C ASP A 358 18.66 6.98 18.32
N PHE A 359 17.40 6.84 18.68
CA PHE A 359 16.34 7.41 17.88
C PHE A 359 16.43 8.90 17.82
N GLU A 360 16.60 9.57 18.95
CA GLU A 360 16.55 11.03 18.93
C GLU A 360 17.75 11.59 18.20
N ASN A 361 18.91 10.97 18.31
CA ASN A 361 20.05 11.46 17.59
C ASN A 361 19.83 11.32 16.11
N ARG A 362 19.24 10.21 15.68
CA ARG A 362 18.97 10.03 14.25
C ARG A 362 17.87 10.94 13.73
N ALA A 363 16.83 11.12 14.52
CA ALA A 363 15.65 11.91 14.09
C ALA A 363 16.04 13.39 13.84
N ALA A 364 16.95 13.91 14.66
CA ALA A 364 17.44 15.26 14.54
C ALA A 364 18.13 15.54 13.21
N GLN A 365 18.64 14.50 12.53
CA GLN A 365 19.30 14.64 11.27
C GLN A 365 18.34 14.65 10.06
N PHE A 366 17.04 14.50 10.28
CA PHE A 366 16.05 14.57 9.22
C PHE A 366 15.55 15.99 9.16
N SER A 367 15.87 16.71 8.11
CA SER A 367 15.42 18.11 7.94
C SER A 367 13.93 18.17 7.88
N LYS A 368 13.32 17.26 7.11
CA LYS A 368 11.86 17.14 7.04
C LYS A 368 11.48 15.88 7.84
N LYS A 369 10.81 16.05 8.96
CA LYS A 369 10.54 14.91 9.84
C LYS A 369 9.54 13.93 9.29
N ILE A 370 8.53 14.44 8.58
CA ILE A 370 7.48 13.63 7.98
C ILE A 370 7.42 13.86 6.47
N GLU A 371 7.44 12.80 5.68
CA GLU A 371 7.30 12.89 4.21
CA GLU A 371 7.27 12.89 4.21
C GLU A 371 5.91 12.43 3.76
N ALA A 372 5.29 13.19 2.87
CA ALA A 372 4.00 12.86 2.36
C ALA A 372 4.02 11.59 1.51
N ASP A 373 5.11 11.39 0.78
CA ASP A 373 5.20 10.33 -0.21
C ASP A 373 6.25 9.33 0.24
N PHE A 374 5.78 8.19 0.75
CA PHE A 374 6.63 7.20 1.34
C PHE A 374 6.20 5.78 1.05
N ASP A 375 7.19 4.88 1.09
CA ASP A 375 6.96 3.47 0.73
C ASP A 375 8.16 2.67 1.25
N TRP A 376 8.36 1.46 0.78
CA TRP A 376 9.47 0.60 1.30
C TRP A 376 10.80 1.16 1.38
N ASP A 377 11.17 2.06 0.45
CA ASP A 377 12.51 2.61 0.39
C ASP A 377 12.73 3.63 1.53
N ASN A 378 11.65 4.24 2.02
CA ASN A 378 11.74 5.37 2.95
CA ASN A 378 11.72 5.35 2.99
C ASN A 378 10.70 5.18 4.10
N VAL A 379 11.18 4.47 5.12
CA VAL A 379 10.34 4.09 6.24
C VAL A 379 10.48 4.93 7.49
N ALA A 380 11.16 6.04 7.44
CA ALA A 380 11.38 6.86 8.65
C ALA A 380 10.06 7.30 9.27
N ASN A 381 9.02 7.56 8.45
CA ASN A 381 7.72 7.95 9.03
C ASN A 381 7.26 6.95 10.11
N LEU A 382 7.47 5.63 9.90
CA LEU A 382 7.02 4.65 10.86
C LEU A 382 7.62 4.92 12.21
N GLY A 383 8.92 5.20 12.28
CA GLY A 383 9.56 5.51 13.56
C GLY A 383 9.06 6.78 14.16
N MET A 384 8.88 7.80 13.30
CA MET A 384 8.38 9.08 13.79
C MET A 384 6.99 8.88 14.42
N PHE A 385 6.14 8.08 13.78
CA PHE A 385 4.82 7.83 14.31
C PHE A 385 4.87 7.14 15.67
N THR A 386 5.65 6.10 15.80
CA THR A 386 5.70 5.31 17.05
C THR A 386 6.28 6.22 18.16
N TYR A 387 7.36 6.93 17.86
CA TYR A 387 7.93 7.87 18.87
C TYR A 387 6.91 8.92 19.26
N LEU A 388 6.23 9.59 18.30
CA LEU A 388 5.30 10.66 18.65
C LEU A 388 4.15 10.17 19.53
N LEU A 389 3.60 9.02 19.19
CA LEU A 389 2.42 8.50 19.86
C LEU A 389 2.73 7.73 21.20
N SER A 390 3.96 7.45 21.48
CA SER A 390 4.35 6.73 22.69
C SER A 390 3.86 7.51 23.89
N GLU A 391 3.38 6.74 24.89
CA GLU A 391 3.05 7.24 26.18
C GLU A 391 4.25 7.30 27.12
N ARG A 392 5.43 6.84 26.67
CA ARG A 392 6.60 6.77 27.58
C ARG A 392 7.11 8.16 27.87
N PRO A 393 7.63 8.41 29.08
CA PRO A 393 8.22 9.67 29.41
C PRO A 393 9.63 9.82 28.85
N GLY A 394 10.18 11.00 28.98
CA GLY A 394 11.58 11.18 28.64
C GLY A 394 11.92 11.77 27.29
N LYS A 395 10.92 12.03 26.47
CA LYS A 395 11.16 12.54 25.09
C LYS A 395 11.63 13.99 25.13
N ASN A 396 12.58 14.32 24.27
CA ASN A 396 13.05 15.70 24.14
C ASN A 396 11.86 16.54 23.66
N PRO A 397 11.45 17.56 24.44
CA PRO A 397 10.27 18.37 24.01
C PRO A 397 10.44 19.07 22.67
N ALA A 398 11.65 19.54 22.36
CA ALA A 398 11.86 20.31 21.12
C ALA A 398 11.72 19.35 19.93
N LEU A 399 12.21 18.10 20.05
CA LEU A 399 12.12 17.12 18.95
C LEU A 399 10.67 16.74 18.74
N VAL A 400 9.96 16.52 19.82
CA VAL A 400 8.55 16.21 19.75
C VAL A 400 7.83 17.31 18.98
N GLN A 401 8.08 18.56 19.35
CA GLN A 401 7.42 19.68 18.69
C GLN A 401 7.80 19.74 17.20
N SER A 402 9.07 19.50 16.87
CA SER A 402 9.52 19.54 15.46
C SER A 402 8.76 18.45 14.65
N ILE A 403 8.63 17.28 15.21
CA ILE A 403 7.91 16.16 14.54
C ILE A 403 6.42 16.46 14.39
N LYS A 404 5.79 16.97 15.46
CA LYS A 404 4.42 17.41 15.40
CA LYS A 404 4.40 17.41 15.39
C LYS A 404 4.20 18.45 14.34
N ASP A 405 5.07 19.45 14.31
CA ASP A 405 4.88 20.54 13.34
C ASP A 405 4.93 20.02 11.93
N SER A 406 5.89 19.13 11.65
CA SER A 406 6.04 18.58 10.33
C SER A 406 4.84 17.65 10.01
N LEU A 407 4.38 16.84 10.97
CA LEU A 407 3.23 15.99 10.77
C LEU A 407 1.99 16.76 10.38
N LEU A 408 1.73 17.86 11.08
CA LEU A 408 0.55 18.61 10.84
C LEU A 408 0.66 19.40 9.53
N SER A 409 1.86 19.93 9.24
CA SER A 409 2.13 20.66 8.00
C SER A 409 1.91 19.70 6.79
N THR A 410 2.42 18.50 6.92
CA THR A 410 2.29 17.47 5.86
C THR A 410 0.84 17.06 5.68
N ALA A 411 0.13 16.79 6.78
CA ALA A 411 -1.25 16.42 6.73
C ALA A 411 -2.09 17.53 6.10
N ASP A 412 -1.82 18.78 6.47
CA ASP A 412 -2.52 19.92 5.92
C ASP A 412 -2.28 20.03 4.44
N SER A 413 -1.06 19.70 4.00
CA SER A 413 -0.73 19.70 2.56
C SER A 413 -1.46 18.63 1.81
N ILE A 414 -1.61 17.44 2.41
CA ILE A 414 -2.35 16.33 1.77
C ILE A 414 -3.82 16.71 1.62
N VAL A 415 -4.41 17.33 2.66
CA VAL A 415 -5.79 17.82 2.62
C VAL A 415 -5.89 18.80 1.44
N ARG A 416 -4.96 19.75 1.37
CA ARG A 416 -4.96 20.75 0.25
C ARG A 416 -4.85 20.09 -1.13
N THR A 417 -4.03 19.05 -1.22
CA THR A 417 -3.89 18.32 -2.48
C THR A 417 -5.22 17.69 -2.88
N SER A 418 -5.83 16.91 -1.97
CA SER A 418 -7.09 16.21 -2.23
C SER A 418 -8.21 17.17 -2.52
N GLN A 419 -8.28 18.32 -1.81
CA GLN A 419 -9.33 19.28 -2.01
CA GLN A 419 -9.32 19.28 -2.01
C GLN A 419 -9.24 19.96 -3.39
N ASN A 420 -8.04 20.08 -3.93
CA ASN A 420 -7.83 20.78 -5.16
C ASN A 420 -7.60 19.85 -6.35
N HIS A 421 -7.76 18.54 -6.13
CA HIS A 421 -7.64 17.56 -7.20
C HIS A 421 -9.06 17.19 -7.65
N GLY A 422 -9.25 17.09 -8.99
CA GLY A 422 -10.57 16.83 -9.53
C GLY A 422 -11.23 15.51 -9.16
N TYR A 423 -10.45 14.58 -8.61
CA TYR A 423 -10.87 13.28 -8.15
C TYR A 423 -10.47 12.98 -6.70
N GLY A 424 -10.11 14.03 -5.96
CA GLY A 424 -9.80 13.88 -4.55
C GLY A 424 -8.59 13.03 -4.30
N ARG A 425 -7.68 12.94 -5.25
CA ARG A 425 -6.46 12.16 -5.10
C ARG A 425 -5.47 12.79 -4.16
N THR A 426 -5.24 12.12 -3.01
CA THR A 426 -4.35 12.69 -1.98
C THR A 426 -2.88 12.83 -2.46
N LEU A 427 -2.49 12.04 -3.43
CA LEU A 427 -1.12 12.06 -4.00
C LEU A 427 -1.02 13.03 -5.19
N GLY A 428 -2.12 13.69 -5.51
CA GLY A 428 -2.03 14.76 -6.52
C GLY A 428 -1.70 14.28 -7.92
N THR A 429 -0.71 14.91 -8.52
CA THR A 429 -0.29 14.60 -9.90
C THR A 429 0.88 13.63 -9.95
N THR A 430 1.25 13.04 -8.79
CA THR A 430 2.44 12.17 -8.69
C THR A 430 2.07 10.75 -9.01
N TYR A 431 2.70 10.20 -10.06
CA TYR A 431 2.47 8.81 -10.49
C TYR A 431 3.83 8.11 -10.64
N TYR A 432 3.88 6.85 -10.22
CA TYR A 432 5.03 6.01 -10.33
C TYR A 432 4.62 4.56 -10.04
N TRP A 433 5.52 3.63 -10.24
CA TRP A 433 5.22 2.20 -10.02
C TRP A 433 4.86 1.99 -8.54
N GLY A 434 3.64 1.55 -8.30
CA GLY A 434 3.14 1.35 -6.93
C GLY A 434 2.43 2.53 -6.30
N CYS A 435 2.24 3.60 -7.04
CA CYS A 435 1.65 4.79 -6.47
C CYS A 435 0.27 4.59 -5.90
N ASN A 436 -0.52 3.62 -6.40
CA ASN A 436 -1.83 3.41 -5.79
C ASN A 436 -1.71 3.03 -4.30
N GLY A 437 -0.67 2.28 -3.98
CA GLY A 437 -0.34 1.92 -2.62
C GLY A 437 -0.08 3.16 -1.78
N THR A 438 0.61 4.12 -2.32
CA THR A 438 0.97 5.35 -1.60
C THR A 438 -0.26 6.22 -1.40
N VAL A 439 -1.17 6.27 -2.38
CA VAL A 439 -2.40 7.01 -2.19
C VAL A 439 -3.07 6.62 -0.84
N VAL A 440 -3.28 5.32 -0.63
CA VAL A 440 -3.89 4.86 0.57
C VAL A 440 -2.90 4.91 1.79
N ARG A 441 -1.63 4.72 1.56
CA ARG A 441 -0.65 4.78 2.67
C ARG A 441 -0.64 6.15 3.30
N GLN A 442 -1.01 7.19 2.55
CA GLN A 442 -1.11 8.55 3.11
C GLN A 442 -2.10 8.68 4.24
N THR A 443 -3.05 7.77 4.31
CA THR A 443 -4.00 7.72 5.42
C THR A 443 -3.27 7.57 6.77
N MET A 444 -2.09 7.02 6.78
CA MET A 444 -1.30 6.93 8.04
C MET A 444 -0.96 8.32 8.54
N ILE A 445 -0.50 9.20 7.66
CA ILE A 445 -0.14 10.53 8.07
C ILE A 445 -1.38 11.22 8.58
N LEU A 446 -2.51 11.09 7.82
CA LEU A 446 -3.73 11.74 8.16
C LEU A 446 -4.31 11.27 9.49
N GLN A 447 -4.33 9.96 9.73
CA GLN A 447 -4.87 9.42 10.97
C GLN A 447 -3.99 9.76 12.20
N VAL A 448 -2.67 9.75 12.03
CA VAL A 448 -1.78 10.12 13.09
C VAL A 448 -1.96 11.62 13.42
N ALA A 449 -2.02 12.47 12.37
CA ALA A 449 -2.34 13.90 12.54
C ALA A 449 -3.63 14.07 13.31
N ASN A 450 -4.67 13.30 12.99
CA ASN A 450 -5.98 13.39 13.65
C ASN A 450 -5.91 12.97 15.11
N LYS A 451 -4.98 12.08 15.46
CA LYS A 451 -4.81 11.70 16.87
C LYS A 451 -4.15 12.87 17.65
N ILE A 452 -3.21 13.55 17.03
CA ILE A 452 -2.46 14.62 17.66
C ILE A 452 -3.26 15.91 17.72
N SER A 453 -4.01 16.22 16.65
CA SER A 453 -4.79 17.42 16.48
C SER A 453 -6.07 17.12 15.77
N PRO A 454 -7.11 16.66 16.53
CA PRO A 454 -8.33 16.20 15.90
C PRO A 454 -8.87 17.22 14.89
N ASN A 455 -9.12 16.75 13.69
CA ASN A 455 -9.56 17.64 12.63
C ASN A 455 -10.33 16.81 11.59
N ASN A 456 -11.59 17.10 11.43
CA ASN A 456 -12.43 16.35 10.48
C ASN A 456 -11.83 16.33 9.08
N ASP A 457 -11.17 17.43 8.69
CA ASP A 457 -10.55 17.51 7.33
C ASP A 457 -9.57 16.36 7.12
N TYR A 458 -8.86 15.97 8.16
CA TYR A 458 -7.91 14.85 8.04
C TYR A 458 -8.61 13.51 7.75
N VAL A 459 -9.69 13.25 8.44
CA VAL A 459 -10.43 12.01 8.31
C VAL A 459 -11.13 12.00 6.93
N ASN A 460 -11.72 13.12 6.54
CA ASN A 460 -12.35 13.21 5.22
C ASN A 460 -11.32 13.07 4.11
N ALA A 461 -10.10 13.56 4.29
CA ALA A 461 -9.04 13.37 3.29
C ALA A 461 -8.64 11.88 3.19
N ALA A 462 -8.61 11.18 4.34
CA ALA A 462 -8.34 9.75 4.31
C ALA A 462 -9.42 9.05 3.49
N LEU A 463 -10.67 9.47 3.65
CA LEU A 463 -11.78 8.91 2.87
C LEU A 463 -11.70 9.30 1.40
N ASP A 464 -11.02 10.40 1.09
CA ASP A 464 -10.79 10.77 -0.30
C ASP A 464 -9.77 9.86 -0.97
N ALA A 465 -8.72 9.47 -0.23
CA ALA A 465 -7.78 8.45 -0.68
C ALA A 465 -8.48 7.12 -0.99
N ILE A 466 -9.35 6.67 -0.09
CA ILE A 466 -10.08 5.45 -0.24
C ILE A 466 -11.03 5.57 -1.44
N SER A 467 -11.78 6.67 -1.49
CA SER A 467 -12.70 6.88 -2.62
C SER A 467 -11.99 6.85 -3.94
N HIS A 468 -10.77 7.38 -3.97
CA HIS A 468 -10.01 7.43 -5.23
C HIS A 468 -9.76 6.03 -5.76
N VAL A 469 -9.35 5.08 -4.90
CA VAL A 469 -9.00 3.72 -5.37
C VAL A 469 -10.23 2.83 -5.59
N PHE A 470 -11.41 3.33 -5.22
CA PHE A 470 -12.68 2.57 -5.35
C PHE A 470 -13.61 3.13 -6.38
N GLY A 471 -13.13 4.08 -7.21
CA GLY A 471 -13.85 4.49 -8.41
C GLY A 471 -13.96 5.99 -8.67
N ARG A 472 -13.68 6.83 -7.68
CA ARG A 472 -13.63 8.28 -7.90
C ARG A 472 -12.29 8.57 -8.56
N ASN A 473 -12.17 8.23 -9.83
CA ASN A 473 -10.96 8.38 -10.59
C ASN A 473 -11.27 8.42 -12.08
N TYR A 474 -10.29 8.86 -12.85
CA TYR A 474 -10.40 9.02 -14.29
C TYR A 474 -11.04 7.79 -15.00
N TYR A 475 -10.61 6.60 -14.59
CA TYR A 475 -10.99 5.38 -15.24
C TYR A 475 -12.39 4.92 -14.88
N ASN A 476 -12.96 5.45 -13.77
CA ASN A 476 -14.19 4.99 -13.23
C ASN A 476 -14.12 3.49 -12.89
N ARG A 477 -13.03 3.09 -12.23
CA ARG A 477 -12.85 1.71 -11.89
C ARG A 477 -12.28 1.57 -10.50
N SER A 478 -12.75 0.55 -9.79
CA SER A 478 -12.05 0.11 -8.61
C SER A 478 -10.66 -0.37 -8.99
N TYR A 479 -9.66 -0.14 -8.16
CA TYR A 479 -8.33 -0.65 -8.38
C TYR A 479 -8.04 -1.93 -7.53
N VAL A 480 -9.07 -2.49 -6.94
CA VAL A 480 -8.95 -3.61 -6.07
C VAL A 480 -9.71 -4.81 -6.65
N THR A 481 -8.97 -5.89 -6.93
CA THR A 481 -9.59 -7.11 -7.50
C THR A 481 -10.77 -7.56 -6.66
N GLY A 482 -11.88 -7.89 -7.35
CA GLY A 482 -12.97 -8.44 -6.64
C GLY A 482 -13.93 -7.51 -5.92
N LEU A 483 -13.67 -6.20 -5.96
CA LEU A 483 -14.44 -5.21 -5.24
C LEU A 483 -14.83 -4.04 -6.10
N GLY A 484 -16.06 -3.57 -5.92
CA GLY A 484 -16.43 -2.32 -6.52
C GLY A 484 -16.69 -2.41 -8.00
N ILE A 485 -16.67 -1.24 -8.61
CA ILE A 485 -17.05 -1.08 -10.02
C ILE A 485 -15.93 -1.56 -10.92
N ASN A 486 -16.25 -2.48 -11.85
CA ASN A 486 -15.34 -2.85 -12.94
C ASN A 486 -13.89 -2.98 -12.44
N PRO A 487 -13.69 -3.89 -11.46
CA PRO A 487 -12.36 -4.06 -10.88
C PRO A 487 -11.33 -4.62 -11.88
N PRO A 488 -10.06 -4.60 -11.50
CA PRO A 488 -9.02 -5.16 -12.40
C PRO A 488 -9.30 -6.64 -12.65
N MET A 489 -9.20 -7.09 -13.89
CA MET A 489 -9.42 -8.44 -14.22
C MET A 489 -8.19 -9.21 -14.57
N ASN A 490 -7.13 -8.50 -14.90
CA ASN A 490 -5.94 -9.12 -15.48
C ASN A 490 -4.62 -8.69 -14.78
N PRO A 491 -4.57 -8.81 -13.45
CA PRO A 491 -3.35 -8.45 -12.77
C PRO A 491 -2.15 -9.29 -13.19
N HIS A 492 -0.96 -8.73 -13.09
CA HIS A 492 0.25 -9.50 -13.29
C HIS A 492 0.46 -10.34 -12.02
N ASP A 493 -0.16 -11.52 -12.01
CA ASP A 493 -0.27 -12.34 -10.81
C ASP A 493 -0.29 -13.76 -11.26
N ARG A 494 0.65 -14.54 -10.81
CA ARG A 494 0.80 -15.89 -11.27
C ARG A 494 -0.34 -16.81 -10.95
N ARG A 495 -0.89 -16.75 -9.73
CA ARG A 495 -2.02 -17.58 -9.38
C ARG A 495 -3.17 -17.25 -10.33
N SER A 496 -3.44 -15.96 -10.54
CA SER A 496 -4.51 -15.54 -11.43
C SER A 496 -4.34 -16.03 -12.84
N GLY A 497 -3.12 -15.98 -13.34
CA GLY A 497 -2.80 -16.39 -14.69
C GLY A 497 -2.80 -17.86 -14.94
N ALA A 498 -2.57 -18.65 -13.91
CA ALA A 498 -2.34 -20.09 -13.99
C ALA A 498 -3.45 -20.98 -13.59
N ASP A 499 -4.49 -20.42 -12.97
CA ASP A 499 -5.56 -21.28 -12.45
C ASP A 499 -6.64 -21.51 -13.47
N GLY A 500 -7.72 -22.10 -13.08
CA GLY A 500 -8.71 -22.23 -14.26
C GLY A 500 -9.89 -21.26 -14.19
N ILE A 501 -9.73 -20.13 -13.48
CA ILE A 501 -10.80 -19.26 -13.09
C ILE A 501 -10.77 -17.93 -13.84
N TRP A 502 -11.91 -17.47 -14.37
CA TRP A 502 -11.84 -16.25 -15.19
C TRP A 502 -11.48 -15.04 -14.35
N GLU A 503 -12.17 -14.86 -13.21
CA GLU A 503 -11.89 -13.73 -12.32
C GLU A 503 -10.57 -13.95 -11.58
N PRO A 504 -9.76 -12.89 -11.42
CA PRO A 504 -8.46 -13.04 -10.74
C PRO A 504 -8.67 -13.25 -9.21
N TRP A 505 -7.59 -13.59 -8.53
CA TRP A 505 -7.68 -13.76 -7.12
C TRP A 505 -8.10 -12.42 -6.49
N PRO A 506 -8.92 -12.49 -5.41
CA PRO A 506 -9.60 -11.30 -4.92
C PRO A 506 -8.84 -10.55 -3.83
N GLY A 507 -9.15 -9.27 -3.73
CA GLY A 507 -8.72 -8.44 -2.63
C GLY A 507 -7.43 -7.69 -2.78
N TYR A 508 -6.92 -7.52 -3.99
CA TYR A 508 -5.62 -6.94 -4.22
C TYR A 508 -5.70 -5.58 -4.89
N LEU A 509 -5.04 -4.60 -4.28
CA LEU A 509 -4.83 -3.30 -4.86
C LEU A 509 -3.75 -3.33 -5.89
N VAL A 510 -4.09 -3.03 -7.15
CA VAL A 510 -3.05 -3.02 -8.22
C VAL A 510 -2.14 -1.81 -8.11
N GLY A 511 -0.95 -1.88 -8.64
CA GLY A 511 0.03 -0.86 -8.40
C GLY A 511 -0.25 0.54 -8.89
N GLY A 512 -0.79 0.69 -10.09
CA GLY A 512 -1.14 1.95 -10.69
C GLY A 512 -0.34 2.34 -11.89
N GLY A 513 -0.94 3.21 -12.68
CA GLY A 513 -0.31 3.72 -13.89
C GLY A 513 0.76 4.78 -13.62
N TRP A 514 1.65 4.94 -14.57
CA TRP A 514 2.70 5.95 -14.56
C TRP A 514 3.32 5.98 -15.95
N PRO A 515 3.94 7.09 -16.33
CA PRO A 515 4.15 8.33 -15.57
C PRO A 515 2.92 9.24 -15.44
N GLY A 516 1.86 8.93 -16.19
CA GLY A 516 0.70 9.77 -16.21
C GLY A 516 -0.58 9.25 -15.61
N PRO A 517 -1.60 10.13 -15.50
CA PRO A 517 -2.84 9.72 -14.82
C PRO A 517 -3.76 8.79 -15.61
N LYS A 518 -3.43 8.55 -16.88
CA LYS A 518 -4.19 7.73 -17.77
C LYS A 518 -3.43 6.48 -18.22
N ASP A 519 -2.27 6.20 -17.61
CA ASP A 519 -1.36 5.16 -18.03
C ASP A 519 -1.54 3.75 -17.43
N TRP A 520 -2.55 3.58 -16.61
CA TRP A 520 -2.82 2.23 -16.04
C TRP A 520 -3.43 1.36 -17.15
N VAL A 521 -2.91 0.13 -17.29
CA VAL A 521 -3.44 -0.85 -18.26
C VAL A 521 -3.76 -2.14 -17.54
N ASP A 522 -4.98 -2.58 -17.64
CA ASP A 522 -5.43 -3.80 -16.96
C ASP A 522 -5.19 -4.97 -17.89
N ILE A 523 -3.90 -5.34 -18.00
CA ILE A 523 -3.43 -6.40 -18.86
C ILE A 523 -2.34 -7.19 -18.09
N GLN A 524 -2.33 -8.50 -18.28
CA GLN A 524 -1.47 -9.33 -17.46
C GLN A 524 0.00 -9.05 -17.64
N ASP A 525 0.41 -8.72 -18.85
CA ASP A 525 1.82 -8.42 -19.14
CA ASP A 525 1.85 -8.50 -19.05
C ASP A 525 2.33 -7.17 -18.39
N SER A 526 1.42 -6.32 -17.88
CA SER A 526 1.83 -5.06 -17.25
C SER A 526 2.24 -5.23 -15.79
N TYR A 527 3.41 -5.75 -15.53
CA TYR A 527 3.92 -5.76 -14.16
C TYR A 527 4.19 -4.33 -13.74
N GLN A 528 4.38 -3.42 -14.71
CA GLN A 528 4.69 -2.02 -14.38
C GLN A 528 3.54 -1.29 -13.76
N THR A 529 2.33 -1.62 -14.18
CA THR A 529 1.14 -0.90 -13.72
C THR A 529 0.06 -1.71 -13.03
N ASN A 530 0.09 -3.05 -13.21
CA ASN A 530 -1.01 -3.92 -12.91
C ASN A 530 -0.63 -5.14 -12.10
N GLU A 531 0.50 -5.05 -11.37
CA GLU A 531 0.87 -6.12 -10.43
C GLU A 531 0.09 -5.90 -9.15
N ILE A 532 0.30 -6.82 -8.19
CA ILE A 532 -0.21 -6.73 -6.82
C ILE A 532 1.02 -6.71 -5.92
N ALA A 533 0.85 -6.40 -4.63
CA ALA A 533 2.01 -6.43 -3.69
C ALA A 533 1.54 -6.35 -2.28
N ILE A 534 2.26 -7.04 -1.38
CA ILE A 534 1.94 -6.94 -0.01
C ILE A 534 1.99 -5.53 0.53
N ASN A 535 2.92 -4.71 0.07
CA ASN A 535 3.02 -3.34 0.59
C ASN A 535 1.83 -2.43 0.21
N TRP A 536 1.25 -2.75 -0.94
CA TRP A 536 0.03 -2.08 -1.45
C TRP A 536 -1.15 -2.54 -0.67
N ASN A 537 -1.35 -3.84 -0.49
CA ASN A 537 -2.42 -4.30 0.35
C ASN A 537 -2.28 -3.79 1.78
N ALA A 538 -1.07 -3.79 2.34
CA ALA A 538 -0.93 -3.34 3.73
C ALA A 538 -1.43 -1.89 3.88
N ALA A 539 -1.11 -1.03 2.88
CA ALA A 539 -1.56 0.35 2.88
C ALA A 539 -3.07 0.43 2.82
N LEU A 540 -3.70 -0.39 1.97
CA LEU A 540 -5.16 -0.42 1.88
C LEU A 540 -5.77 -0.88 3.19
N ILE A 541 -5.17 -1.90 3.79
CA ILE A 541 -5.62 -2.45 5.06
C ILE A 541 -5.58 -1.39 6.15
N TYR A 542 -4.50 -0.67 6.25
CA TYR A 542 -4.42 0.44 7.22
C TYR A 542 -5.52 1.44 6.96
N ALA A 543 -5.66 1.86 5.68
CA ALA A 543 -6.69 2.85 5.34
C ALA A 543 -8.09 2.44 5.74
N LEU A 544 -8.42 1.17 5.44
CA LEU A 544 -9.77 0.68 5.75
C LEU A 544 -9.95 0.40 7.26
N ALA A 545 -8.86 -0.01 7.94
CA ALA A 545 -8.90 -0.38 9.35
C ALA A 545 -9.50 0.73 10.21
N GLY A 546 -9.18 1.98 9.90
CA GLY A 546 -9.66 3.10 10.68
C GLY A 546 -11.16 3.24 10.65
N PHE A 547 -11.80 2.58 9.67
CA PHE A 547 -13.27 2.65 9.45
C PHE A 547 -14.01 1.36 9.73
N VAL A 548 -13.33 0.46 10.46
CA VAL A 548 -13.88 -0.80 10.94
C VAL A 548 -14.37 -0.58 12.37
N ASN A 549 -15.57 -1.04 12.70
CA ASN A 549 -16.16 -0.85 14.07
C ASN A 549 -16.02 0.62 14.47
N TYR A 550 -16.44 1.48 13.53
CA TYR A 550 -16.29 2.92 13.63
C TYR A 550 -17.64 3.55 13.71
N ASN A 551 -17.75 4.53 14.58
CA ASN A 551 -19.03 5.29 14.74
C ASN A 551 -18.68 6.75 14.67
N SER A 552 -19.21 7.43 13.66
CA SER A 552 -18.83 8.86 13.43
C SER A 552 -19.68 9.95 14.21
N PRO A 553 -20.66 9.55 14.98
CA PRO A 553 -21.46 10.58 15.72
C PRO A 553 -20.76 11.32 16.80
N SER B 12 24.46 9.39 -30.98
CA SER B 12 23.33 8.62 -30.39
C SER B 12 23.52 7.10 -30.56
N VAL B 13 23.13 6.34 -29.57
CA VAL B 13 23.26 4.86 -29.52
C VAL B 13 21.92 4.16 -29.28
N LYS B 14 21.91 2.84 -29.48
CA LYS B 14 20.70 2.03 -29.22
C LYS B 14 20.61 1.58 -27.74
N VAL B 15 19.42 1.73 -27.16
CA VAL B 15 19.11 1.27 -25.82
C VAL B 15 18.35 -0.06 -25.95
N LYS B 16 18.90 -1.14 -25.41
CA LYS B 16 18.26 -2.44 -25.44
C LYS B 16 17.53 -2.59 -24.12
N PHE B 17 16.23 -2.90 -24.19
CA PHE B 17 15.44 -3.19 -22.97
C PHE B 17 14.45 -4.37 -23.20
N HIS B 18 14.04 -5.06 -22.12
CA HIS B 18 13.08 -6.22 -22.08
C HIS B 18 11.60 -5.78 -22.17
N GLU B 23 12.82 -8.31 -25.73
CA GLU B 23 14.00 -7.50 -26.04
C GLU B 23 13.76 -6.48 -27.15
N LYS B 24 13.66 -5.21 -26.76
CA LYS B 24 13.41 -4.08 -27.68
C LYS B 24 14.60 -3.12 -27.75
N GLU B 25 14.69 -2.35 -28.82
CA GLU B 25 15.80 -1.46 -29.09
C GLU B 25 15.26 -0.08 -29.43
N VAL B 26 15.74 0.95 -28.72
CA VAL B 26 15.29 2.34 -28.94
C VAL B 26 16.56 3.23 -29.07
N ASP B 27 16.65 3.96 -30.15
CA ASP B 27 17.72 4.91 -30.31
C ASP B 27 17.53 6.02 -29.27
N THR B 28 18.62 6.47 -28.68
CA THR B 28 18.57 7.58 -27.76
C THR B 28 18.02 8.88 -28.36
N SER B 29 18.14 9.03 -29.68
CA SER B 29 17.63 10.19 -30.39
C SER B 29 16.09 10.28 -30.32
N LYS B 30 15.43 9.16 -30.02
CA LYS B 30 13.98 9.08 -29.94
C LYS B 30 13.44 9.35 -28.49
N ILE B 31 14.36 9.34 -27.53
CA ILE B 31 14.00 9.45 -26.10
C ILE B 31 13.65 10.88 -25.77
N LYS B 32 12.59 11.06 -25.02
CA LYS B 32 12.10 12.39 -24.62
C LYS B 32 12.52 12.63 -23.17
N LYS B 33 11.83 12.09 -22.21
CA LYS B 33 12.16 12.34 -20.81
C LYS B 33 12.95 11.12 -20.25
N VAL B 34 13.89 11.40 -19.35
CA VAL B 34 14.72 10.38 -18.71
C VAL B 34 14.76 10.70 -17.23
N TRP B 35 14.56 9.69 -16.39
CA TRP B 35 14.61 9.86 -14.97
C TRP B 35 15.00 8.55 -14.26
N ARG B 36 15.43 8.68 -13.01
CA ARG B 36 15.93 7.56 -12.17
C ARG B 36 14.88 7.14 -11.18
N ILE B 37 14.66 5.82 -11.07
CA ILE B 37 13.70 5.25 -10.16
C ILE B 37 14.23 4.01 -9.48
N ASN B 38 14.01 3.90 -8.18
CA ASN B 38 14.40 2.72 -7.42
C ASN B 38 13.22 1.81 -7.35
N THR B 39 13.16 0.83 -8.25
CA THR B 39 11.98 0.00 -8.32
C THR B 39 12.20 -1.26 -7.50
N ARG B 40 11.17 -2.09 -7.39
CA ARG B 40 11.34 -3.37 -6.70
C ARG B 40 12.38 -4.26 -7.34
N LEU B 41 12.61 -4.06 -8.66
CA LEU B 41 13.59 -4.81 -9.41
C LEU B 41 15.02 -4.33 -9.29
N GLY B 42 15.23 -3.17 -8.69
CA GLY B 42 16.54 -2.53 -8.68
C GLY B 42 16.44 -1.07 -9.20
N MET B 43 17.57 -0.39 -9.19
CA MET B 43 17.64 0.97 -9.71
C MET B 43 17.51 0.93 -11.23
N ARG B 44 16.62 1.76 -11.75
CA ARG B 44 16.39 1.81 -13.21
C ARG B 44 16.46 3.22 -13.70
N VAL B 45 16.85 3.33 -14.98
CA VAL B 45 16.73 4.59 -15.71
C VAL B 45 15.49 4.41 -16.57
N ALA B 46 14.43 5.19 -16.26
CA ALA B 46 13.20 5.17 -16.96
C ALA B 46 13.18 6.28 -17.98
N PHE B 47 12.36 6.05 -19.02
CA PHE B 47 12.29 7.02 -20.10
C PHE B 47 11.03 6.93 -20.91
N THR B 48 10.69 8.06 -21.55
CA THR B 48 9.62 8.09 -22.54
C THR B 48 10.33 8.28 -23.86
N TYR B 49 9.67 7.84 -24.92
CA TYR B 49 10.26 7.93 -26.27
C TYR B 49 9.19 7.99 -27.33
N ASP B 50 9.60 8.48 -28.51
CA ASP B 50 8.75 8.54 -29.70
C ASP B 50 8.71 7.17 -30.32
N ASP B 51 7.50 6.66 -30.45
CA ASP B 51 7.22 5.40 -31.18
C ASP B 51 6.18 5.64 -32.24
N ASN B 52 6.66 6.01 -33.44
CA ASN B 52 5.83 6.24 -34.63
C ASN B 52 4.69 7.18 -34.27
N GLY B 53 5.03 8.21 -33.49
CA GLY B 53 4.10 9.29 -33.14
C GLY B 53 3.32 9.12 -31.85
N LYS B 54 3.39 7.94 -31.25
CA LYS B 54 2.88 7.71 -29.89
C LYS B 54 4.03 7.83 -28.93
N THR B 55 3.70 7.93 -27.65
CA THR B 55 4.68 7.95 -26.62
C THR B 55 4.84 6.63 -25.88
N GLY B 56 6.00 6.02 -25.92
CA GLY B 56 6.22 4.78 -25.20
C GLY B 56 6.98 5.06 -23.92
N ARG B 57 7.00 4.05 -23.07
CA ARG B 57 7.72 4.10 -21.82
C ARG B 57 8.63 2.89 -21.77
N GLY B 58 9.86 3.09 -21.30
CA GLY B 58 10.76 1.98 -21.10
C GLY B 58 11.66 2.23 -19.91
N MET B 59 12.42 1.19 -19.57
CA MET B 59 13.39 1.31 -18.48
C MET B 59 14.49 0.28 -18.62
N VAL B 60 15.67 0.60 -18.14
CA VAL B 60 16.83 -0.30 -18.18
C VAL B 60 17.55 -0.19 -16.82
N PRO B 61 18.18 -1.28 -16.42
CA PRO B 61 19.05 -1.23 -15.21
C PRO B 61 20.07 -0.12 -15.33
N GLU B 62 20.24 0.61 -14.23
CA GLU B 62 21.17 1.73 -14.23
C GLU B 62 22.55 1.22 -14.63
N LYS B 63 22.95 0.11 -14.03
CA LYS B 63 24.27 -0.52 -14.30
C LYS B 63 24.43 -0.89 -15.77
N ASP B 64 23.35 -0.90 -16.50
CA ASP B 64 23.33 -1.45 -17.86
C ASP B 64 23.11 -0.31 -18.91
N ALA B 65 22.88 0.93 -18.46
CA ALA B 65 22.53 1.96 -19.39
C ALA B 65 23.78 2.47 -20.13
N PRO B 66 23.66 2.76 -21.44
CA PRO B 66 24.80 3.36 -22.13
C PRO B 66 25.15 4.77 -21.61
N LYS B 67 26.42 5.15 -21.80
CA LYS B 67 26.94 6.47 -21.42
C LYS B 67 26.01 7.55 -21.93
N GLU B 68 25.55 7.41 -23.17
CA GLU B 68 24.70 8.44 -23.83
C GLU B 68 23.38 8.71 -23.07
N LEU B 69 22.71 7.62 -22.63
CA LEU B 69 21.46 7.68 -21.80
C LEU B 69 21.80 8.27 -20.43
N LEU B 70 22.93 7.85 -19.85
CA LEU B 70 23.32 8.35 -18.52
C LEU B 70 23.64 9.86 -18.54
N ASP B 71 24.23 10.34 -19.65
CA ASP B 71 24.42 11.77 -19.91
C ASP B 71 23.10 12.54 -19.97
N MET B 72 22.08 11.96 -20.63
CA MET B 72 20.76 12.64 -20.73
C MET B 72 20.15 12.74 -19.32
N LEU B 73 20.34 11.68 -18.54
CA LEU B 73 19.81 11.61 -17.16
C LEU B 73 20.50 12.70 -16.36
N ALA B 74 21.83 12.84 -16.51
CA ALA B 74 22.60 13.82 -15.76
C ALA B 74 22.15 15.25 -16.07
N ARG B 75 21.91 15.50 -17.36
CA ARG B 75 21.39 16.78 -17.78
C ARG B 75 20.03 17.03 -17.20
N ALA B 76 19.14 16.03 -17.29
CA ALA B 76 17.78 16.20 -16.78
C ALA B 76 17.82 16.47 -15.27
N GLU B 77 18.76 15.81 -14.58
CA GLU B 77 18.92 15.94 -13.11
C GLU B 77 19.59 17.27 -12.74
N GLY B 78 20.35 17.89 -13.67
CA GLY B 78 20.95 19.21 -13.43
C GLY B 78 20.11 20.38 -13.93
ZN ZN C . 4.87 -20.42 -1.75
CA CA D . -7.67 -16.21 15.90
CA CA E . 15.63 2.99 3.44
CA CA F . -7.48 -16.94 -13.69
C1 GOL G . -10.66 6.18 12.53
O1 GOL G . -11.09 6.60 11.24
C2 GOL G . -10.87 7.40 13.43
O2 GOL G . -10.59 8.58 12.60
C3 GOL G . -9.95 7.06 14.60
O3 GOL G . -10.10 5.68 14.97
C1 GOL H . 8.12 -8.19 -11.64
O1 GOL H . 7.69 -7.12 -10.72
C2 GOL H . 7.26 -9.40 -11.78
O2 GOL H . 6.97 -10.08 -10.54
C3 GOL H . 7.82 -10.38 -12.72
O3 GOL H . 6.92 -11.39 -13.03
C1 GOL I . -19.31 -4.63 12.55
O1 GOL I . -18.26 -5.60 12.78
C2 GOL I . -19.09 -3.32 13.29
O2 GOL I . -19.46 -3.46 14.79
C3 GOL I . -19.82 -2.15 12.70
O3 GOL I . -19.02 -0.98 12.59
C1 GOL J . 5.65 -28.26 -2.90
O1 GOL J . 6.02 -29.36 -2.00
C2 GOL J . 6.88 -27.77 -3.54
O2 GOL J . 7.65 -27.15 -2.49
C3 GOL J . 6.57 -26.86 -4.68
O3 GOL J . 6.15 -25.49 -4.41
#